data_8QUN
#
_entry.id   8QUN
#
_cell.length_a   62.780
_cell.length_b   71.390
_cell.length_c   121.080
_cell.angle_alpha   90.000
_cell.angle_beta   90.000
_cell.angle_gamma   90.000
#
_symmetry.space_group_name_H-M   'P 21 21 21'
#
loop_
_entity.id
_entity.type
_entity.pdbx_description
1 polymer 'Carbonic anhydrase 1'
2 non-polymer 'ZINC ION'
3 non-polymer 2-[5-cyano-4-(4-methylphenyl)-6-oxidanyl-pyrimidin-2-yl]sulfanyl-N-(4-sulfamoylphenyl)ethanamide
4 non-polymer 'DIMETHYL SULFOXIDE'
5 non-polymer 'SODIUM ION'
6 water water
#
_entity_poly.entity_id   1
_entity_poly.type   'polypeptide(L)'
_entity_poly.pdbx_seq_one_letter_code
;MASPDWGYDDKNGPEQWSKLYPIANGNNQSPVDIKTSETKHDTSLKPISVSYNPATAKEIINVGHSFHVNFEDNDNRSVL
KGGPFSDSYRLFQFHFHWGSTNEHGSEHTVDGVKYSAELHVAHWNSAKYSSLAEAASKADGLAVIGVLMKVGEANPKLQK
VLDALQAIKTKGKRAPFTNFDPSTLLPSSLDFWTYPGSLTHPPLYESVTWIICKESISVSSEQLAQFRSLLSNVEGDNAV
PMQHNNRPTQPLKGRTVRASF
;
_entity_poly.pdbx_strand_id   AAA,BBB
#
# COMPACT_ATOMS: atom_id res chain seq x y z
N ASP A 5 17.86 16.72 6.55
CA ASP A 5 17.84 15.33 5.99
C ASP A 5 17.44 15.35 4.52
N TRP A 6 18.25 14.79 3.63
CA TRP A 6 17.96 14.77 2.17
C TRP A 6 16.82 13.79 1.89
N GLY A 7 16.04 14.04 0.85
CA GLY A 7 14.95 13.13 0.45
C GLY A 7 14.58 13.34 -1.00
N TYR A 8 13.32 13.05 -1.31
CA TYR A 8 12.77 13.21 -2.66
C TYR A 8 11.55 14.17 -2.60
N ASP A 9 11.21 14.79 -1.45
CA ASP A 9 10.12 15.81 -1.36
C ASP A 9 10.54 17.08 -2.08
N ASP A 10 9.62 18.01 -2.38
CA ASP A 10 9.98 19.28 -3.07
C ASP A 10 11.10 20.00 -2.30
N LYS A 11 11.04 20.00 -0.97
CA LYS A 11 11.95 20.82 -0.15
C LYS A 11 13.33 20.14 0.02
N ASN A 12 13.40 18.81 0.12
CA ASN A 12 14.68 18.13 0.42
C ASN A 12 15.19 17.33 -0.79
N GLY A 13 14.56 17.52 -1.97
CA GLY A 13 14.64 16.57 -3.09
C GLY A 13 15.76 16.89 -4.06
N PRO A 14 15.85 16.15 -5.18
CA PRO A 14 16.95 16.30 -6.12
C PRO A 14 17.33 17.72 -6.52
N GLU A 15 16.35 18.62 -6.64
CA GLU A 15 16.57 20.02 -7.10
C GLU A 15 17.37 20.79 -6.03
N GLN A 16 17.28 20.40 -4.76
CA GLN A 16 17.94 21.08 -3.60
C GLN A 16 19.26 20.40 -3.17
N TRP A 17 19.52 19.16 -3.59
CA TRP A 17 20.73 18.41 -3.13
C TRP A 17 22.03 19.23 -3.26
N SER A 18 22.16 20.09 -4.28
CA SER A 18 23.40 20.86 -4.56
C SER A 18 23.82 21.73 -3.37
N LYS A 19 22.89 22.11 -2.49
CA LYS A 19 23.17 23.05 -1.36
C LYS A 19 24.14 22.40 -0.35
N LEU A 20 23.95 21.12 0.03
CA LEU A 20 24.92 20.41 0.92
C LEU A 20 25.83 19.51 0.09
N TYR A 21 25.46 19.16 -1.15
CA TYR A 21 26.27 18.25 -2.00
C TYR A 21 26.53 18.92 -3.34
N PRO A 22 27.47 19.88 -3.42
CA PRO A 22 27.70 20.60 -4.68
C PRO A 22 28.22 19.72 -5.82
N ILE A 23 28.74 18.50 -5.55
CA ILE A 23 29.11 17.52 -6.61
C ILE A 23 27.84 17.19 -7.43
N ALA A 24 26.64 17.52 -6.94
CA ALA A 24 25.35 17.33 -7.66
C ALA A 24 25.45 17.98 -9.04
N ASN A 25 26.21 19.07 -9.15
CA ASN A 25 26.36 19.83 -10.41
C ASN A 25 27.69 19.48 -11.05
N GLY A 26 28.28 18.29 -10.78
CA GLY A 26 29.60 17.87 -11.27
C GLY A 26 29.59 17.40 -12.71
N ASN A 27 30.72 16.87 -13.19
CA ASN A 27 30.96 16.44 -14.58
C ASN A 27 30.71 14.94 -14.79
N ASN A 28 30.48 14.18 -13.72
CA ASN A 28 30.30 12.70 -13.83
C ASN A 28 29.07 12.30 -13.00
N GLN A 29 27.98 13.04 -13.10
CA GLN A 29 26.73 12.73 -12.34
C GLN A 29 25.86 11.70 -13.06
N SER A 30 25.08 10.95 -12.27
CA SER A 30 24.21 9.83 -12.73
C SER A 30 22.84 10.09 -12.15
N PRO A 31 21.73 9.65 -12.81
CA PRO A 31 21.80 8.91 -14.06
C PRO A 31 21.89 9.83 -15.30
N VAL A 32 21.88 9.18 -16.44
CA VAL A 32 21.93 9.89 -17.76
C VAL A 32 20.88 9.31 -18.70
N ASP A 33 20.59 10.09 -19.73
CA ASP A 33 19.87 9.61 -20.94
C ASP A 33 20.90 9.01 -21.88
N ILE A 34 20.72 7.75 -22.24
CA ILE A 34 21.59 7.05 -23.19
C ILE A 34 21.04 7.27 -24.59
N LYS A 35 21.72 8.10 -25.40
CA LYS A 35 21.33 8.29 -26.83
C LYS A 35 22.07 7.26 -27.69
N THR A 36 21.33 6.30 -28.28
CA THR A 36 21.93 5.14 -28.97
C THR A 36 22.69 5.61 -30.22
N SER A 37 22.37 6.76 -30.79
CA SER A 37 23.07 7.25 -32.02
C SER A 37 24.45 7.80 -31.64
N GLU A 38 24.67 8.17 -30.37
CA GLU A 38 25.94 8.74 -29.84
C GLU A 38 26.75 7.72 -29.03
N THR A 39 26.34 6.47 -28.89
CA THR A 39 27.17 5.47 -28.17
C THR A 39 28.30 4.98 -29.07
N LYS A 40 29.41 4.52 -28.49
CA LYS A 40 30.59 4.04 -29.24
C LYS A 40 30.79 2.57 -28.94
N HIS A 41 30.65 1.73 -29.95
CA HIS A 41 30.89 0.27 -29.78
C HIS A 41 32.36 0.16 -29.42
N ASP A 42 32.67 -0.56 -28.33
CA ASP A 42 34.05 -0.79 -27.85
C ASP A 42 34.35 -2.28 -27.89
N THR A 43 35.29 -2.65 -28.75
CA THR A 43 35.61 -4.06 -29.07
C THR A 43 36.37 -4.73 -27.91
N SER A 44 37.03 -3.95 -27.06
CA SER A 44 37.81 -4.47 -25.90
C SER A 44 36.90 -4.89 -24.73
N LEU A 45 35.60 -4.55 -24.73
CA LEU A 45 34.69 -4.91 -23.61
C LEU A 45 34.47 -6.41 -23.63
N LYS A 46 34.78 -7.06 -22.51
CA LYS A 46 34.52 -8.50 -22.32
C LYS A 46 33.09 -8.67 -21.83
N PRO A 47 32.55 -9.89 -21.93
CA PRO A 47 31.22 -10.16 -21.39
C PRO A 47 31.26 -9.93 -19.87
N ILE A 48 30.12 -9.51 -19.34
CA ILE A 48 29.89 -9.42 -17.87
C ILE A 48 29.83 -10.84 -17.34
N SER A 49 30.52 -11.08 -16.23
CA SER A 49 30.46 -12.37 -15.52
C SER A 49 30.03 -12.07 -14.08
N VAL A 50 28.89 -12.60 -13.67
CA VAL A 50 28.45 -12.59 -12.24
C VAL A 50 28.45 -14.01 -11.71
N SER A 51 28.97 -14.13 -10.50
CA SER A 51 28.96 -15.39 -9.73
C SER A 51 28.67 -15.04 -8.28
N TYR A 52 27.42 -15.16 -7.91
CA TYR A 52 26.95 -14.79 -6.56
C TYR A 52 26.55 -16.02 -5.77
N ASN A 53 26.94 -16.06 -4.51
CA ASN A 53 26.62 -17.18 -3.59
C ASN A 53 25.37 -16.81 -2.79
N PRO A 54 24.26 -17.60 -2.83
CA PRO A 54 23.03 -17.19 -2.14
C PRO A 54 23.19 -17.12 -0.62
N ALA A 55 24.20 -17.77 -0.06
CA ALA A 55 24.53 -17.73 1.38
C ALA A 55 25.08 -16.35 1.80
N THR A 56 25.47 -15.45 0.87
CA THR A 56 25.94 -14.08 1.21
C THR A 56 24.76 -13.14 1.47
N ALA A 57 23.54 -13.52 1.13
CA ALA A 57 22.36 -12.67 1.40
C ALA A 57 22.21 -12.56 2.92
N LYS A 58 22.04 -11.34 3.43
CA LYS A 58 22.03 -11.07 4.89
C LYS A 58 20.70 -10.50 5.36
N GLU A 59 20.30 -9.31 4.88
CA GLU A 59 19.32 -8.50 5.60
C GLU A 59 18.57 -7.59 4.63
N ILE A 60 17.30 -7.35 4.90
CA ILE A 60 16.52 -6.32 4.18
C ILE A 60 16.17 -5.20 5.15
N ILE A 61 16.29 -3.95 4.69
CA ILE A 61 16.21 -2.77 5.58
C ILE A 61 15.38 -1.67 4.91
N ASN A 62 14.48 -1.10 5.68
CA ASN A 62 13.72 0.11 5.29
C ASN A 62 14.55 1.32 5.68
N VAL A 63 15.09 2.04 4.68
CA VAL A 63 16.00 3.20 4.94
C VAL A 63 15.25 4.50 4.69
N GLY A 64 13.93 4.48 4.73
CA GLY A 64 13.11 5.72 4.72
C GLY A 64 12.82 6.25 3.33
N HIS A 65 13.83 6.33 2.47
CA HIS A 65 13.64 6.78 1.07
C HIS A 65 13.50 5.58 0.13
N SER A 66 13.84 4.37 0.60
CA SER A 66 13.95 3.15 -0.23
C SER A 66 14.05 1.95 0.70
N PHE A 67 14.30 0.78 0.17
CA PHE A 67 14.70 -0.40 0.96
C PHE A 67 15.95 -0.97 0.29
N HIS A 68 16.78 -1.60 1.10
CA HIS A 68 18.03 -2.20 0.62
C HIS A 68 18.05 -3.68 1.01
N VAL A 69 18.62 -4.50 0.15
CA VAL A 69 18.93 -5.91 0.50
C VAL A 69 20.46 -5.97 0.58
N ASN A 70 21.00 -6.19 1.77
CA ASN A 70 22.47 -6.24 1.97
C ASN A 70 22.99 -7.66 1.99
N PHE A 71 24.24 -7.78 1.58
CA PHE A 71 24.99 -9.04 1.48
C PHE A 71 26.22 -8.94 2.40
N GLU A 72 26.62 -10.07 2.96
CA GLU A 72 27.94 -10.24 3.59
C GLU A 72 29.01 -9.94 2.54
N ASP A 73 29.94 -9.02 2.84
CA ASP A 73 30.99 -8.58 1.90
C ASP A 73 32.36 -8.70 2.58
N ASN A 74 32.55 -9.75 3.37
CA ASN A 74 33.83 -10.02 4.09
C ASN A 74 34.77 -10.85 3.21
N ASP A 75 34.30 -11.47 2.11
CA ASP A 75 35.17 -12.22 1.18
C ASP A 75 34.59 -12.21 -0.22
N ASN A 76 35.19 -12.97 -1.13
CA ASN A 76 34.88 -12.95 -2.59
C ASN A 76 33.93 -14.08 -2.98
N ARG A 77 33.02 -14.50 -2.10
CA ARG A 77 31.99 -15.50 -2.47
C ARG A 77 31.09 -14.99 -3.60
N SER A 78 30.83 -13.68 -3.65
CA SER A 78 29.86 -13.09 -4.60
C SER A 78 30.54 -11.95 -5.35
N VAL A 79 30.85 -12.14 -6.63
CA VAL A 79 31.73 -11.22 -7.40
C VAL A 79 31.16 -10.94 -8.80
N LEU A 80 31.46 -9.74 -9.29
CA LEU A 80 31.31 -9.27 -10.70
C LEU A 80 32.72 -9.18 -11.30
N LYS A 81 32.85 -9.63 -12.54
CA LYS A 81 34.08 -9.59 -13.34
C LYS A 81 33.70 -9.29 -14.79
N GLY A 82 34.68 -8.91 -15.59
CA GLY A 82 34.53 -8.77 -17.03
C GLY A 82 34.09 -7.37 -17.39
N GLY A 83 33.37 -7.27 -18.49
CA GLY A 83 32.90 -5.96 -19.00
C GLY A 83 34.10 -5.06 -19.16
N PRO A 84 34.08 -3.85 -18.57
CA PRO A 84 35.23 -2.95 -18.67
C PRO A 84 36.28 -3.16 -17.57
N PHE A 85 36.14 -4.18 -16.73
CA PHE A 85 36.97 -4.32 -15.50
C PHE A 85 38.13 -5.29 -15.71
N SER A 86 39.25 -4.94 -15.10
CA SER A 86 40.42 -5.78 -14.83
C SER A 86 40.25 -6.47 -13.47
N ASP A 87 39.67 -5.74 -12.53
CA ASP A 87 39.53 -6.09 -11.09
C ASP A 87 38.22 -6.86 -10.87
N SER A 88 38.20 -7.78 -9.92
CA SER A 88 36.99 -8.42 -9.38
C SER A 88 36.24 -7.42 -8.49
N TYR A 89 34.91 -7.30 -8.58
CA TYR A 89 34.12 -6.40 -7.70
C TYR A 89 33.20 -7.25 -6.82
N ARG A 90 33.09 -6.90 -5.56
CA ARG A 90 32.41 -7.71 -4.53
C ARG A 90 31.00 -7.14 -4.32
N LEU A 91 29.98 -7.99 -4.51
CA LEU A 91 28.56 -7.63 -4.29
C LEU A 91 28.40 -7.17 -2.85
N PHE A 92 27.66 -6.11 -2.62
CA PHE A 92 27.27 -5.72 -1.24
C PHE A 92 25.78 -5.44 -1.06
N GLN A 93 25.05 -5.10 -2.12
CA GLN A 93 23.64 -4.68 -1.94
C GLN A 93 22.91 -4.68 -3.28
N PHE A 94 21.59 -4.87 -3.26
CA PHE A 94 20.78 -4.44 -4.42
C PHE A 94 19.60 -3.67 -3.87
N HIS A 95 18.99 -2.83 -4.71
CA HIS A 95 17.81 -2.02 -4.34
C HIS A 95 17.12 -1.59 -5.61
N PHE A 96 16.00 -0.85 -5.48
CA PHE A 96 15.25 -0.44 -6.67
C PHE A 96 15.06 1.06 -6.56
N HIS A 97 14.67 1.64 -7.68
CA HIS A 97 14.06 2.97 -7.76
C HIS A 97 12.74 2.83 -8.51
N TRP A 98 11.80 3.67 -8.14
CA TRP A 98 10.47 3.70 -8.79
C TRP A 98 9.91 5.13 -8.74
N GLY A 99 8.81 5.32 -9.45
CA GLY A 99 8.15 6.61 -9.63
C GLY A 99 6.74 6.59 -9.06
N SER A 100 6.07 7.74 -9.08
CA SER A 100 4.73 7.89 -8.45
C SER A 100 3.66 7.24 -9.33
N THR A 101 3.92 7.06 -10.63
CA THR A 101 3.02 6.31 -11.53
C THR A 101 3.88 5.48 -12.49
N ASN A 102 3.27 4.53 -13.20
CA ASN A 102 3.94 3.62 -14.17
C ASN A 102 4.72 4.41 -15.25
N GLU A 103 4.32 5.65 -15.55
CA GLU A 103 4.81 6.51 -16.66
C GLU A 103 6.31 6.79 -16.52
N HIS A 104 6.81 6.81 -15.29
CA HIS A 104 8.23 7.10 -15.04
C HIS A 104 8.59 6.27 -13.80
N GLY A 105 9.82 6.29 -13.43
CA GLY A 105 10.25 5.54 -12.23
C GLY A 105 11.67 5.05 -12.41
N SER A 106 12.11 4.78 -13.64
CA SER A 106 13.55 4.48 -13.90
C SER A 106 14.38 5.75 -13.62
N GLU A 107 15.68 5.55 -13.39
CA GLU A 107 16.65 6.65 -13.26
C GLU A 107 17.28 6.89 -14.64
N HIS A 108 17.95 5.88 -15.18
CA HIS A 108 18.44 5.92 -16.59
C HIS A 108 17.25 5.92 -17.55
N THR A 109 17.42 6.62 -18.68
CA THR A 109 16.47 6.58 -19.82
C THR A 109 17.26 6.20 -21.05
N VAL A 110 16.59 5.64 -22.05
CA VAL A 110 17.23 5.23 -23.32
C VAL A 110 16.50 5.92 -24.46
N ASP A 111 17.18 6.86 -25.12
CA ASP A 111 16.61 7.70 -26.23
C ASP A 111 15.37 8.44 -25.72
N GLY A 112 15.44 8.94 -24.48
CA GLY A 112 14.37 9.71 -23.83
C GLY A 112 13.23 8.87 -23.30
N VAL A 113 13.25 7.54 -23.47
CA VAL A 113 12.16 6.67 -22.93
C VAL A 113 12.41 6.39 -21.43
N LYS A 114 11.36 6.58 -20.65
CA LYS A 114 11.33 6.42 -19.17
C LYS A 114 10.66 5.07 -18.92
N TYR A 115 11.32 4.20 -18.16
CA TYR A 115 10.72 2.92 -17.69
C TYR A 115 10.10 3.14 -16.32
N SER A 116 9.43 2.11 -15.82
CA SER A 116 8.58 2.18 -14.60
C SER A 116 9.40 2.05 -13.32
N ALA A 117 10.54 1.38 -13.39
CA ALA A 117 11.40 1.18 -12.21
C ALA A 117 12.80 0.83 -12.70
N GLU A 118 13.73 0.67 -11.77
CA GLU A 118 15.15 0.32 -12.11
C GLU A 118 15.75 -0.45 -10.96
N LEU A 119 16.42 -1.57 -11.26
CA LEU A 119 17.16 -2.40 -10.29
C LEU A 119 18.62 -1.99 -10.32
N HIS A 120 19.19 -1.76 -9.15
CA HIS A 120 20.63 -1.43 -8.98
C HIS A 120 21.27 -2.59 -8.20
N VAL A 121 22.30 -3.20 -8.76
CA VAL A 121 23.09 -4.27 -8.07
C VAL A 121 24.50 -3.69 -7.88
N ALA A 122 24.90 -3.44 -6.63
CA ALA A 122 26.03 -2.54 -6.30
C ALA A 122 27.17 -3.41 -5.75
N HIS A 123 28.40 -3.06 -6.14
CA HIS A 123 29.62 -3.85 -5.84
C HIS A 123 30.76 -2.89 -5.53
N TRP A 124 31.77 -3.35 -4.81
CA TRP A 124 32.95 -2.49 -4.51
C TRP A 124 34.23 -3.22 -4.89
N ASN A 125 35.26 -2.46 -5.19
CA ASN A 125 36.52 -2.96 -5.79
C ASN A 125 37.39 -3.56 -4.69
N SER A 126 37.30 -4.87 -4.53
CA SER A 126 37.99 -5.64 -3.46
C SER A 126 39.38 -6.09 -3.95
N ALA A 127 39.70 -5.91 -5.23
CA ALA A 127 41.08 -6.10 -5.75
C ALA A 127 41.98 -4.99 -5.19
N LYS A 128 41.48 -3.76 -5.17
CA LYS A 128 42.30 -2.57 -4.86
C LYS A 128 42.09 -2.08 -3.42
N TYR A 129 40.90 -2.23 -2.84
CA TYR A 129 40.51 -1.57 -1.58
C TYR A 129 40.05 -2.65 -0.61
N SER A 130 40.03 -2.34 0.69
CA SER A 130 39.72 -3.38 1.67
C SER A 130 38.38 -3.13 2.35
N SER A 131 37.64 -2.07 2.01
CA SER A 131 36.28 -1.88 2.58
C SER A 131 35.43 -1.08 1.60
N LEU A 132 34.12 -1.19 1.74
CA LEU A 132 33.15 -0.30 1.05
C LEU A 132 33.50 1.17 1.36
N ALA A 133 33.75 1.50 2.62
CA ALA A 133 34.02 2.89 3.02
C ALA A 133 35.21 3.45 2.26
N GLU A 134 36.30 2.69 2.16
CA GLU A 134 37.48 3.11 1.39
C GLU A 134 37.11 3.25 -0.11
N ALA A 135 36.48 2.25 -0.68
CA ALA A 135 36.15 2.15 -2.13
C ALA A 135 35.22 3.29 -2.59
N ALA A 136 34.29 3.76 -1.76
CA ALA A 136 33.27 4.78 -2.12
C ALA A 136 33.92 6.17 -2.37
N SER A 137 35.14 6.40 -1.92
CA SER A 137 35.90 7.66 -2.14
C SER A 137 36.78 7.58 -3.41
N LYS A 138 36.73 6.51 -4.20
CA LYS A 138 37.70 6.26 -5.30
C LYS A 138 36.96 6.28 -6.63
N ALA A 139 37.57 6.87 -7.65
CA ALA A 139 36.95 6.95 -9.00
C ALA A 139 36.57 5.55 -9.49
N ASP A 140 37.40 4.55 -9.18
CA ASP A 140 37.22 3.15 -9.63
C ASP A 140 36.69 2.27 -8.48
N GLY A 141 36.05 2.85 -7.47
CA GLY A 141 35.70 2.12 -6.25
C GLY A 141 34.43 1.29 -6.36
N LEU A 142 33.45 1.74 -7.13
CA LEU A 142 32.10 1.10 -7.17
C LEU A 142 31.73 0.70 -8.59
N ALA A 143 31.01 -0.40 -8.72
CA ALA A 143 30.41 -0.87 -9.98
C ALA A 143 28.92 -1.18 -9.70
N VAL A 144 28.02 -0.57 -10.47
CA VAL A 144 26.57 -0.82 -10.27
C VAL A 144 26.00 -1.29 -11.60
N ILE A 145 25.34 -2.43 -11.57
CA ILE A 145 24.53 -2.95 -12.72
C ILE A 145 23.16 -2.32 -12.61
N GLY A 146 22.72 -1.57 -13.65
CA GLY A 146 21.34 -1.08 -13.73
C GLY A 146 20.54 -1.88 -14.74
N VAL A 147 19.33 -2.26 -14.34
CA VAL A 147 18.37 -3.00 -15.19
C VAL A 147 17.06 -2.22 -15.22
N LEU A 148 16.65 -1.83 -16.40
CA LEU A 148 15.40 -1.06 -16.61
C LEU A 148 14.24 -2.04 -16.48
N MET A 149 13.20 -1.62 -15.76
CA MET A 149 12.04 -2.47 -15.47
C MET A 149 10.81 -1.89 -16.18
N LYS A 150 10.30 -2.66 -17.14
CA LYS A 150 9.18 -2.25 -18.03
C LYS A 150 7.88 -2.84 -17.51
N VAL A 151 6.92 -1.98 -17.22
CA VAL A 151 5.59 -2.41 -16.72
C VAL A 151 4.95 -3.37 -17.74
N GLY A 152 4.48 -4.49 -17.24
CA GLY A 152 3.77 -5.52 -18.04
C GLY A 152 3.44 -6.69 -17.14
N GLU A 153 3.85 -7.88 -17.52
CA GLU A 153 3.57 -9.15 -16.81
C GLU A 153 4.25 -9.15 -15.44
N ALA A 154 3.55 -9.61 -14.41
CA ALA A 154 4.17 -9.91 -13.09
C ALA A 154 5.49 -10.65 -13.28
N ASN A 155 6.50 -10.24 -12.52
CA ASN A 155 7.82 -10.92 -12.53
C ASN A 155 7.92 -11.88 -11.34
N PRO A 156 7.87 -13.20 -11.53
CA PRO A 156 7.92 -14.09 -10.36
C PRO A 156 9.27 -14.10 -9.61
N LYS A 157 10.36 -13.72 -10.28
CA LYS A 157 11.70 -13.65 -9.65
C LYS A 157 11.70 -12.57 -8.56
N LEU A 158 10.83 -11.58 -8.61
CA LEU A 158 10.72 -10.55 -7.55
C LEU A 158 10.05 -11.08 -6.28
N GLN A 159 9.54 -12.33 -6.25
CA GLN A 159 8.54 -12.78 -5.24
C GLN A 159 9.13 -12.76 -3.84
N LYS A 160 10.32 -13.34 -3.63
CA LYS A 160 10.92 -13.40 -2.27
C LYS A 160 11.07 -11.96 -1.79
N VAL A 161 11.52 -11.04 -2.67
CA VAL A 161 11.76 -9.64 -2.25
C VAL A 161 10.45 -9.01 -1.82
N LEU A 162 9.40 -9.06 -2.68
CA LEU A 162 8.10 -8.42 -2.37
C LEU A 162 7.47 -9.05 -1.12
N ASP A 163 7.59 -10.36 -0.95
CA ASP A 163 7.02 -11.10 0.20
C ASP A 163 7.70 -10.63 1.50
N ALA A 164 8.92 -10.07 1.42
CA ALA A 164 9.69 -9.69 2.63
C ALA A 164 9.25 -8.33 3.14
N LEU A 165 8.61 -7.51 2.29
CA LEU A 165 8.40 -6.08 2.60
C LEU A 165 7.41 -5.93 3.77
N GLN A 166 6.47 -6.87 3.95
CA GLN A 166 5.50 -6.69 5.07
C GLN A 166 6.22 -6.70 6.42
N ALA A 167 7.46 -7.18 6.54
CA ALA A 167 8.21 -7.21 7.83
C ALA A 167 9.03 -5.94 8.03
N ILE A 168 9.12 -5.09 7.00
CA ILE A 168 9.90 -3.84 7.11
C ILE A 168 9.08 -2.66 6.63
N LYS A 169 7.83 -2.55 7.08
CA LYS A 169 6.91 -1.54 6.52
C LYS A 169 7.32 -0.11 6.81
N THR A 170 7.94 0.17 7.96
CA THR A 170 8.25 1.53 8.42
C THR A 170 9.78 1.72 8.55
N LYS A 171 10.15 2.98 8.48
CA LYS A 171 11.54 3.44 8.46
C LYS A 171 12.34 2.83 9.61
N GLY A 172 13.48 2.23 9.30
CA GLY A 172 14.40 1.66 10.29
C GLY A 172 14.13 0.20 10.59
N LYS A 173 12.98 -0.36 10.20
CA LYS A 173 12.74 -1.82 10.37
C LYS A 173 13.74 -2.60 9.49
N ARG A 174 14.15 -3.77 9.95
CA ARG A 174 15.08 -4.63 9.23
C ARG A 174 14.78 -6.05 9.65
N ALA A 175 15.08 -6.97 8.77
CA ALA A 175 14.81 -8.40 8.96
C ALA A 175 15.85 -9.21 8.23
N PRO A 176 16.11 -10.45 8.68
CA PRO A 176 17.00 -11.35 7.96
C PRO A 176 16.40 -11.58 6.56
N PHE A 177 17.28 -11.69 5.59
CA PHE A 177 16.91 -12.04 4.19
C PHE A 177 18.03 -12.90 3.63
N THR A 178 17.81 -14.21 3.58
CA THR A 178 18.87 -15.20 3.38
C THR A 178 18.58 -16.04 2.14
N ASN A 179 19.60 -16.70 1.69
CA ASN A 179 19.59 -17.77 0.67
C ASN A 179 18.97 -17.20 -0.62
N PHE A 180 19.53 -16.12 -1.14
CA PHE A 180 19.03 -15.44 -2.36
C PHE A 180 20.19 -15.02 -3.26
N ASP A 181 20.13 -15.44 -4.52
CA ASP A 181 21.10 -15.09 -5.59
C ASP A 181 20.46 -14.04 -6.48
N PRO A 182 20.86 -12.74 -6.38
CA PRO A 182 20.21 -11.70 -7.18
C PRO A 182 20.55 -11.76 -8.68
N SER A 183 21.47 -12.61 -9.11
CA SER A 183 21.67 -12.84 -10.57
C SER A 183 20.39 -13.42 -11.19
N THR A 184 19.50 -13.99 -10.41
CA THR A 184 18.16 -14.49 -10.88
C THR A 184 17.27 -13.33 -11.36
N LEU A 185 17.57 -12.10 -10.96
CA LEU A 185 16.78 -10.90 -11.35
C LEU A 185 17.28 -10.32 -12.66
N LEU A 186 18.49 -10.66 -13.09
CA LEU A 186 19.12 -10.05 -14.29
C LEU A 186 18.44 -10.58 -15.55
N PRO A 187 18.42 -9.81 -16.65
CA PRO A 187 17.87 -10.30 -17.93
C PRO A 187 18.74 -11.41 -18.53
N SER A 188 18.16 -12.21 -19.46
CA SER A 188 18.88 -13.35 -20.09
C SER A 188 20.09 -12.84 -20.87
N SER A 189 19.99 -11.74 -21.63
CA SER A 189 21.14 -11.11 -22.32
C SER A 189 21.82 -10.14 -21.36
N LEU A 190 23.15 -10.15 -21.28
CA LEU A 190 23.91 -9.17 -20.46
C LEU A 190 24.67 -8.20 -21.37
N ASP A 191 24.20 -8.01 -22.61
CA ASP A 191 24.64 -6.88 -23.47
C ASP A 191 24.45 -5.59 -22.69
N PHE A 192 25.41 -4.67 -22.71
CA PHE A 192 25.38 -3.48 -21.83
C PHE A 192 25.93 -2.22 -22.48
N TRP A 193 25.56 -1.11 -21.86
CA TRP A 193 26.21 0.21 -21.98
C TRP A 193 27.10 0.41 -20.74
N THR A 194 28.21 1.11 -20.86
CA THR A 194 28.99 1.53 -19.66
C THR A 194 29.42 2.98 -19.80
N TYR A 195 29.42 3.68 -18.68
CA TYR A 195 29.96 5.04 -18.60
C TYR A 195 30.40 5.30 -17.16
N PRO A 196 31.34 6.25 -16.97
CA PRO A 196 31.76 6.70 -15.64
C PRO A 196 30.78 7.71 -15.05
N GLY A 197 30.30 7.45 -13.83
CA GLY A 197 29.29 8.28 -13.19
C GLY A 197 29.38 8.25 -11.68
N SER A 198 28.22 8.32 -11.04
CA SER A 198 28.12 8.73 -9.62
C SER A 198 27.04 7.89 -8.93
N LEU A 199 27.01 7.97 -7.60
CA LEU A 199 25.81 7.57 -6.85
C LEU A 199 24.67 8.46 -7.36
N THR A 200 23.45 7.95 -7.37
CA THR A 200 22.30 8.75 -7.87
C THR A 200 21.57 9.44 -6.73
N HIS A 201 22.04 9.32 -5.50
CA HIS A 201 21.51 10.08 -4.34
C HIS A 201 22.69 10.48 -3.46
N PRO A 202 22.48 11.46 -2.55
CA PRO A 202 23.54 11.89 -1.63
C PRO A 202 24.21 10.66 -1.02
N PRO A 203 25.54 10.70 -0.91
CA PRO A 203 26.33 11.91 -1.15
C PRO A 203 26.82 12.16 -2.59
N LEU A 204 26.33 11.39 -3.55
CA LEU A 204 26.51 11.67 -5.00
C LEU A 204 27.98 11.60 -5.45
N TYR A 205 28.81 10.80 -4.76
CA TYR A 205 30.22 10.56 -5.07
C TYR A 205 30.37 10.05 -6.51
N GLU A 206 31.34 10.59 -7.24
CA GLU A 206 31.65 10.20 -8.64
C GLU A 206 32.61 9.02 -8.61
N SER A 207 32.14 7.90 -8.10
CA SER A 207 32.93 6.68 -7.79
CA SER A 207 32.94 6.68 -7.80
C SER A 207 32.40 5.46 -8.54
N VAL A 208 31.39 5.62 -9.42
CA VAL A 208 30.67 4.45 -10.00
C VAL A 208 31.03 4.26 -11.48
N THR A 209 31.43 3.05 -11.82
CA THR A 209 31.37 2.54 -13.21
C THR A 209 29.97 1.93 -13.42
N TRP A 210 29.17 2.56 -14.25
CA TRP A 210 27.80 2.05 -14.53
C TRP A 210 27.82 0.97 -15.60
N ILE A 211 27.04 -0.10 -15.39
CA ILE A 211 26.77 -1.17 -16.36
C ILE A 211 25.26 -1.23 -16.59
N ILE A 212 24.75 -0.70 -17.70
CA ILE A 212 23.28 -0.62 -17.94
C ILE A 212 22.95 -1.69 -18.95
N CYS A 213 22.05 -2.61 -18.61
CA CYS A 213 21.65 -3.75 -19.46
C CYS A 213 20.78 -3.21 -20.60
N LYS A 214 21.01 -3.68 -21.83
CA LYS A 214 20.12 -3.22 -22.92
C LYS A 214 18.73 -3.86 -22.83
N GLU A 215 18.63 -5.11 -22.35
CA GLU A 215 17.36 -5.85 -22.18
C GLU A 215 16.71 -5.41 -20.87
N SER A 216 15.41 -5.13 -20.93
CA SER A 216 14.63 -4.86 -19.71
C SER A 216 14.18 -6.16 -19.05
N ILE A 217 13.75 -6.05 -17.80
CA ILE A 217 12.97 -7.12 -17.13
C ILE A 217 11.58 -6.58 -16.87
N SER A 218 10.64 -7.49 -16.60
CA SER A 218 9.23 -7.08 -16.41
CA SER A 218 9.24 -7.10 -16.40
C SER A 218 8.96 -6.76 -14.93
N VAL A 219 7.85 -6.09 -14.71
CA VAL A 219 7.27 -5.84 -13.37
C VAL A 219 5.81 -5.50 -13.63
N SER A 220 4.88 -5.99 -12.81
CA SER A 220 3.45 -5.63 -12.97
C SER A 220 3.13 -4.33 -12.25
N SER A 221 2.03 -3.70 -12.66
CA SER A 221 1.46 -2.50 -12.00
CA SER A 221 1.50 -2.48 -12.00
C SER A 221 1.27 -2.75 -10.50
N GLU A 222 0.86 -3.99 -10.13
CA GLU A 222 0.54 -4.36 -8.72
C GLU A 222 1.86 -4.57 -7.95
N GLN A 223 2.88 -5.15 -8.59
CA GLN A 223 4.24 -5.24 -7.99
C GLN A 223 4.78 -3.83 -7.70
N LEU A 224 4.69 -2.87 -8.62
CA LEU A 224 5.12 -1.49 -8.34
C LEU A 224 4.31 -0.94 -7.16
N ALA A 225 3.01 -1.20 -7.12
CA ALA A 225 2.20 -0.68 -5.98
C ALA A 225 2.80 -1.17 -4.66
N GLN A 226 3.27 -2.40 -4.57
CA GLN A 226 3.92 -2.95 -3.36
C GLN A 226 5.12 -2.07 -2.96
N PHE A 227 6.01 -1.68 -3.87
CA PHE A 227 7.09 -0.73 -3.54
C PHE A 227 6.48 0.55 -2.97
N ARG A 228 5.42 1.06 -3.59
CA ARG A 228 4.94 2.42 -3.24
C ARG A 228 4.14 2.41 -1.92
N SER A 229 3.81 1.20 -1.43
CA SER A 229 3.06 1.01 -0.15
C SER A 229 4.03 0.91 1.03
N LEU A 230 5.35 0.79 0.78
CA LEU A 230 6.34 1.00 1.87
C LEU A 230 6.17 2.39 2.45
N LEU A 231 6.44 2.53 3.75
CA LEU A 231 6.23 3.80 4.47
C LEU A 231 7.57 4.41 4.84
N SER A 232 7.70 5.69 4.60
CA SER A 232 8.93 6.45 4.91
C SER A 232 8.96 6.86 6.39
N ASN A 233 7.80 6.88 7.05
CA ASN A 233 7.64 7.32 8.47
C ASN A 233 8.07 6.18 9.40
N VAL A 234 8.39 6.51 10.67
CA VAL A 234 8.63 5.48 11.72
C VAL A 234 7.29 5.00 12.27
N GLU A 235 7.31 3.80 12.79
CA GLU A 235 6.10 3.15 13.37
C GLU A 235 5.42 4.08 14.38
N GLY A 236 4.10 4.20 14.29
CA GLY A 236 3.31 5.02 15.24
C GLY A 236 2.98 6.38 14.66
N ASP A 237 3.81 6.89 13.76
CA ASP A 237 3.56 8.19 13.07
C ASP A 237 2.51 8.04 11.97
N ASN A 238 2.03 9.16 11.45
CA ASN A 238 1.13 9.18 10.28
C ASN A 238 1.87 8.55 9.11
N ALA A 239 1.19 7.61 8.46
CA ALA A 239 1.70 6.83 7.31
C ALA A 239 2.02 7.79 6.16
N VAL A 240 3.25 7.74 5.65
CA VAL A 240 3.69 8.56 4.48
C VAL A 240 4.24 7.55 3.47
N PRO A 241 3.43 7.09 2.49
CA PRO A 241 3.94 6.23 1.43
C PRO A 241 5.17 6.75 0.70
N MET A 242 6.06 5.82 0.39
CA MET A 242 7.30 5.99 -0.41
C MET A 242 6.89 6.06 -1.90
N GLN A 243 6.35 7.18 -2.36
CA GLN A 243 5.73 7.25 -3.70
C GLN A 243 6.79 7.17 -4.80
N HIS A 244 7.97 7.78 -4.59
CA HIS A 244 9.03 7.81 -5.65
C HIS A 244 10.42 8.06 -5.04
N ASN A 245 11.46 7.70 -5.77
CA ASN A 245 12.87 7.85 -5.32
C ASN A 245 13.80 7.87 -6.53
N ASN A 246 13.33 8.37 -7.70
CA ASN A 246 14.18 8.41 -8.90
C ASN A 246 14.70 9.83 -9.10
N ARG A 247 15.98 9.95 -9.41
CA ARG A 247 16.60 11.25 -9.75
C ARG A 247 16.42 11.50 -11.24
N PRO A 248 16.15 12.78 -11.65
CA PRO A 248 16.19 13.13 -13.08
C PRO A 248 17.57 12.83 -13.71
N THR A 249 17.61 12.62 -15.03
CA THR A 249 18.87 12.47 -15.80
C THR A 249 19.66 13.78 -15.79
N GLN A 250 20.97 13.60 -15.83
CA GLN A 250 22.01 14.63 -15.65
C GLN A 250 22.80 14.73 -16.95
N PRO A 251 23.40 15.91 -17.20
CA PRO A 251 24.19 16.13 -18.40
C PRO A 251 25.44 15.24 -18.54
N LEU A 252 25.68 14.71 -19.73
CA LEU A 252 26.88 13.86 -20.00
C LEU A 252 28.17 14.69 -19.83
N LYS A 253 28.14 15.99 -20.13
CA LYS A 253 29.34 16.87 -20.03
C LYS A 253 30.55 16.18 -20.67
N GLY A 254 30.38 15.64 -21.87
CA GLY A 254 31.47 15.16 -22.74
C GLY A 254 31.88 13.72 -22.46
N ARG A 255 31.21 13.03 -21.54
CA ARG A 255 31.49 11.59 -21.33
C ARG A 255 30.99 10.81 -22.54
N THR A 256 31.64 9.69 -22.77
CA THR A 256 31.26 8.73 -23.83
C THR A 256 30.52 7.56 -23.18
N VAL A 257 29.30 7.28 -23.62
CA VAL A 257 28.69 5.96 -23.30
C VAL A 257 29.19 4.93 -24.31
N ARG A 258 29.79 3.84 -23.82
CA ARG A 258 30.28 2.72 -24.66
C ARG A 258 29.27 1.56 -24.65
N ALA A 259 29.17 0.87 -25.78
CA ALA A 259 28.28 -0.29 -25.99
C ALA A 259 29.12 -1.53 -26.16
N SER A 260 28.73 -2.61 -25.52
CA SER A 260 29.37 -3.93 -25.65
C SER A 260 28.88 -4.63 -26.93
N PHE A 261 27.93 -4.02 -27.63
CA PHE A 261 27.16 -4.69 -28.70
C PHE A 261 26.96 -3.68 -29.84
N ASP B 5 -20.33 6.24 -12.59
CA ASP B 5 -20.18 5.33 -11.45
C ASP B 5 -19.63 6.09 -10.23
N TRP B 6 -20.30 5.93 -9.09
CA TRP B 6 -20.13 6.76 -7.86
C TRP B 6 -18.84 6.41 -7.16
N GLY B 7 -18.29 7.36 -6.41
CA GLY B 7 -17.03 7.17 -5.66
C GLY B 7 -16.97 8.15 -4.52
N TYR B 8 -15.76 8.54 -4.13
CA TYR B 8 -15.49 9.45 -2.99
C TYR B 8 -14.64 10.65 -3.43
N ASP B 9 -14.31 10.78 -4.72
CA ASP B 9 -13.50 11.94 -5.20
C ASP B 9 -14.43 13.09 -5.58
N ASP B 10 -13.87 14.22 -6.01
CA ASP B 10 -14.65 15.46 -6.25
C ASP B 10 -15.68 15.21 -7.35
N LYS B 11 -15.32 14.49 -8.41
CA LYS B 11 -16.20 14.34 -9.60
C LYS B 11 -17.40 13.45 -9.26
N ASN B 12 -17.24 12.40 -8.43
CA ASN B 12 -18.27 11.33 -8.29
C ASN B 12 -18.63 11.08 -6.81
N GLY B 13 -18.26 11.98 -5.91
CA GLY B 13 -18.25 11.76 -4.45
C GLY B 13 -19.55 12.19 -3.78
N PRO B 14 -19.59 12.18 -2.43
CA PRO B 14 -20.79 12.47 -1.67
C PRO B 14 -21.55 13.76 -2.03
N GLU B 15 -20.84 14.83 -2.40
CA GLU B 15 -21.53 16.10 -2.77
C GLU B 15 -22.27 15.92 -4.10
N GLN B 16 -21.88 14.95 -4.94
CA GLN B 16 -22.49 14.68 -6.28
C GLN B 16 -23.53 13.56 -6.24
N TRP B 17 -23.60 12.74 -5.17
CA TRP B 17 -24.43 11.52 -5.22
C TRP B 17 -25.92 11.86 -5.50
N SER B 18 -26.43 13.00 -5.02
CA SER B 18 -27.87 13.37 -5.13
C SER B 18 -28.31 13.41 -6.60
N LYS B 19 -27.37 13.56 -7.53
CA LYS B 19 -27.70 13.69 -8.98
C LYS B 19 -28.29 12.36 -9.46
N LEU B 20 -27.67 11.24 -9.08
CA LEU B 20 -28.12 9.87 -9.47
C LEU B 20 -29.02 9.25 -8.39
N TYR B 21 -28.89 9.68 -7.12
CA TYR B 21 -29.59 9.09 -5.95
C TYR B 21 -30.17 10.23 -5.13
N PRO B 22 -31.33 10.79 -5.57
CA PRO B 22 -31.90 11.98 -4.94
C PRO B 22 -32.23 11.80 -3.45
N ILE B 23 -32.41 10.55 -3.02
CA ILE B 23 -32.64 10.22 -1.57
C ILE B 23 -31.46 10.71 -0.70
N ALA B 24 -30.32 11.05 -1.29
CA ALA B 24 -29.12 11.56 -0.58
C ALA B 24 -29.50 12.80 0.23
N ASN B 25 -30.58 13.50 -0.13
CA ASN B 25 -31.07 14.74 0.54
C ASN B 25 -32.35 14.43 1.32
N GLY B 26 -32.61 13.17 1.63
CA GLY B 26 -33.79 12.70 2.38
C GLY B 26 -33.72 13.07 3.85
N ASN B 27 -34.71 12.57 4.59
CA ASN B 27 -34.98 12.90 6.01
C ASN B 27 -34.37 11.84 6.93
N ASN B 28 -33.85 10.75 6.39
CA ASN B 28 -33.38 9.63 7.26
C ASN B 28 -31.99 9.18 6.77
N GLN B 29 -31.12 10.13 6.49
CA GLN B 29 -29.79 9.83 5.92
C GLN B 29 -28.74 9.61 7.01
N SER B 30 -27.75 8.77 6.71
CA SER B 30 -26.66 8.36 7.61
C SER B 30 -25.33 8.64 6.92
N PRO B 31 -24.23 8.80 7.68
CA PRO B 31 -24.19 8.76 9.14
C PRO B 31 -24.67 10.08 9.76
N VAL B 32 -24.67 10.15 11.08
CA VAL B 32 -25.08 11.36 11.85
C VAL B 32 -24.05 11.60 12.96
N ASP B 33 -24.01 12.84 13.45
CA ASP B 33 -23.32 13.19 14.70
C ASP B 33 -24.25 12.81 15.84
N ILE B 34 -23.76 12.07 16.82
CA ILE B 34 -24.54 11.78 18.04
C ILE B 34 -24.14 12.83 19.07
N LYS B 35 -25.07 13.75 19.37
CA LYS B 35 -24.92 14.74 20.45
C LYS B 35 -25.47 14.10 21.73
N THR B 36 -24.57 13.73 22.63
CA THR B 36 -24.89 12.93 23.84
C THR B 36 -25.82 13.74 24.79
N SER B 37 -25.82 15.07 24.75
CA SER B 37 -26.78 15.88 25.55
C SER B 37 -28.22 15.78 25.02
N GLU B 38 -28.45 15.38 23.76
CA GLU B 38 -29.78 15.28 23.12
C GLU B 38 -30.27 13.82 23.03
N THR B 39 -29.46 12.84 23.46
CA THR B 39 -29.90 11.41 23.43
C THR B 39 -30.97 11.19 24.49
N LYS B 40 -31.89 10.25 24.21
CA LYS B 40 -33.00 9.88 25.12
C LYS B 40 -32.83 8.42 25.53
N HIS B 41 -32.85 8.15 26.82
CA HIS B 41 -32.85 6.77 27.35
C HIS B 41 -34.23 6.15 27.18
N ASP B 42 -34.26 4.99 26.53
CA ASP B 42 -35.51 4.26 26.23
C ASP B 42 -35.49 2.92 26.97
N THR B 43 -36.37 2.77 27.98
CA THR B 43 -36.33 1.58 28.87
C THR B 43 -36.73 0.33 28.07
N SER B 44 -37.33 0.49 26.90
CA SER B 44 -37.81 -0.67 26.10
C SER B 44 -36.62 -1.27 25.35
N LEU B 45 -35.47 -0.59 25.30
CA LEU B 45 -34.28 -1.14 24.58
C LEU B 45 -33.65 -2.28 25.39
N LYS B 46 -33.71 -3.50 24.83
CA LYS B 46 -33.08 -4.69 25.45
C LYS B 46 -31.60 -4.69 25.12
N PRO B 47 -30.78 -5.47 25.82
CA PRO B 47 -29.39 -5.66 25.45
C PRO B 47 -29.36 -6.27 24.05
N ILE B 48 -28.30 -5.99 23.30
CA ILE B 48 -28.19 -6.61 21.96
C ILE B 48 -27.54 -7.98 22.20
N SER B 49 -27.96 -8.95 21.42
CA SER B 49 -27.49 -10.35 21.50
C SER B 49 -26.97 -10.71 20.10
N VAL B 50 -25.70 -11.03 19.97
CA VAL B 50 -25.20 -11.52 18.66
C VAL B 50 -24.74 -12.97 18.86
N SER B 51 -25.22 -13.87 18.02
CA SER B 51 -24.66 -15.25 17.95
CA SER B 51 -24.78 -15.29 17.95
C SER B 51 -24.42 -15.60 16.50
N TYR B 52 -23.17 -15.46 16.18
CA TYR B 52 -22.65 -15.74 14.83
C TYR B 52 -21.96 -17.10 14.84
N ASN B 53 -22.25 -17.85 13.79
CA ASN B 53 -21.61 -19.18 13.52
C ASN B 53 -20.42 -18.94 12.60
N PRO B 54 -19.18 -19.22 13.01
CA PRO B 54 -17.98 -18.91 12.23
C PRO B 54 -17.90 -19.72 10.93
N ALA B 55 -18.75 -20.75 10.77
CA ALA B 55 -18.82 -21.55 9.53
C ALA B 55 -19.62 -20.80 8.46
N THR B 56 -20.29 -19.68 8.79
CA THR B 56 -21.04 -18.88 7.79
C THR B 56 -20.07 -17.93 7.02
N ALA B 57 -18.87 -17.69 7.50
CA ALA B 57 -17.87 -16.87 6.80
C ALA B 57 -17.66 -17.47 5.40
N LYS B 58 -17.69 -16.64 4.36
CA LYS B 58 -17.65 -17.18 2.97
C LYS B 58 -16.49 -16.58 2.16
N GLU B 59 -16.44 -15.27 1.93
CA GLU B 59 -15.64 -14.67 0.85
C GLU B 59 -15.22 -13.27 1.25
N ILE B 60 -14.04 -12.86 0.86
CA ILE B 60 -13.58 -11.47 0.96
C ILE B 60 -13.42 -10.94 -0.48
N ILE B 61 -13.82 -9.70 -0.72
CA ILE B 61 -13.90 -9.16 -2.10
C ILE B 61 -13.56 -7.68 -2.10
N ASN B 62 -12.73 -7.29 -3.08
CA ASN B 62 -12.41 -5.88 -3.39
C ASN B 62 -13.52 -5.31 -4.28
N VAL B 63 -14.26 -4.33 -3.75
CA VAL B 63 -15.43 -3.74 -4.47
C VAL B 63 -15.08 -2.34 -5.00
N GLY B 64 -13.80 -2.02 -5.15
CA GLY B 64 -13.39 -0.76 -5.78
C GLY B 64 -13.29 0.39 -4.82
N HIS B 65 -14.34 0.66 -4.07
CA HIS B 65 -14.35 1.76 -3.08
C HIS B 65 -14.05 1.24 -1.67
N SER B 66 -14.12 -0.08 -1.47
CA SER B 66 -13.93 -0.73 -0.16
C SER B 66 -13.60 -2.20 -0.40
N PHE B 67 -13.62 -2.96 0.68
CA PHE B 67 -13.60 -4.43 0.62
C PHE B 67 -14.67 -4.94 1.55
N HIS B 68 -15.27 -6.08 1.22
CA HIS B 68 -16.36 -6.66 2.02
C HIS B 68 -15.97 -8.07 2.44
N VAL B 69 -16.37 -8.47 3.63
CA VAL B 69 -16.31 -9.89 4.03
C VAL B 69 -17.75 -10.38 4.08
N ASN B 70 -18.11 -11.27 3.17
CA ASN B 70 -19.47 -11.79 2.99
C ASN B 70 -19.65 -13.11 3.72
N PHE B 71 -20.89 -13.32 4.19
CA PHE B 71 -21.33 -14.53 4.95
C PHE B 71 -22.44 -15.23 4.18
N GLU B 72 -22.49 -16.55 4.29
CA GLU B 72 -23.63 -17.32 3.76
C GLU B 72 -24.88 -16.87 4.52
N ASP B 73 -25.95 -16.49 3.83
CA ASP B 73 -27.16 -15.91 4.50
C ASP B 73 -28.40 -16.69 4.05
N ASN B 74 -28.22 -18.00 3.80
CA ASN B 74 -29.31 -18.91 3.34
C ASN B 74 -30.15 -19.37 4.55
N ASP B 75 -29.63 -19.33 5.77
CA ASP B 75 -30.40 -19.72 6.98
C ASP B 75 -30.10 -18.71 8.10
N ASN B 76 -30.62 -18.96 9.31
CA ASN B 76 -30.40 -18.09 10.50
C ASN B 76 -29.37 -18.68 11.44
N ARG B 77 -28.27 -19.25 10.97
CA ARG B 77 -27.16 -19.69 11.86
C ARG B 77 -26.49 -18.49 12.55
N SER B 78 -26.50 -17.31 11.91
CA SER B 78 -25.76 -16.10 12.38
C SER B 78 -26.74 -14.94 12.49
N VAL B 79 -27.13 -14.56 13.72
CA VAL B 79 -28.25 -13.64 13.94
C VAL B 79 -27.88 -12.60 14.99
N LEU B 80 -28.48 -11.42 14.79
CA LEU B 80 -28.59 -10.29 15.75
C LEU B 80 -30.02 -10.27 16.29
N LYS B 81 -30.15 -10.14 17.60
CA LYS B 81 -31.49 -9.90 18.17
C LYS B 81 -31.37 -8.95 19.35
N GLY B 82 -32.53 -8.58 19.89
CA GLY B 82 -32.57 -7.71 21.08
C GLY B 82 -32.44 -6.25 20.67
N GLY B 83 -31.90 -5.42 21.54
CA GLY B 83 -31.88 -3.96 21.32
C GLY B 83 -33.27 -3.46 20.99
N PRO B 84 -33.43 -2.74 19.85
CA PRO B 84 -34.72 -2.16 19.48
C PRO B 84 -35.61 -3.13 18.70
N PHE B 85 -35.19 -4.38 18.48
CA PHE B 85 -35.84 -5.34 17.55
C PHE B 85 -36.69 -6.37 18.32
N SER B 86 -37.82 -6.76 17.75
CA SER B 86 -38.58 -7.97 18.18
C SER B 86 -38.22 -9.15 17.27
N ASP B 87 -37.79 -8.85 16.04
CA ASP B 87 -37.39 -9.81 14.96
C ASP B 87 -35.89 -10.13 15.09
N SER B 88 -35.45 -11.34 14.70
CA SER B 88 -34.01 -11.67 14.49
C SER B 88 -33.60 -11.16 13.11
N TYR B 89 -32.37 -10.63 13.00
CA TYR B 89 -31.75 -10.17 11.73
C TYR B 89 -30.58 -11.10 11.42
N ARG B 90 -30.45 -11.45 10.13
CA ARG B 90 -29.44 -12.42 9.65
C ARG B 90 -28.18 -11.69 9.18
N LEU B 91 -27.03 -12.04 9.72
CA LEU B 91 -25.70 -11.50 9.33
C LEU B 91 -25.48 -11.76 7.84
N PHE B 92 -24.97 -10.79 7.09
CA PHE B 92 -24.61 -11.06 5.66
C PHE B 92 -23.22 -10.50 5.31
N GLN B 93 -22.71 -9.47 5.99
CA GLN B 93 -21.44 -8.85 5.59
C GLN B 93 -20.87 -8.02 6.72
N PHE B 94 -19.54 -7.86 6.80
CA PHE B 94 -18.96 -6.70 7.53
C PHE B 94 -17.91 -6.05 6.64
N HIS B 95 -17.70 -4.75 6.91
CA HIS B 95 -16.72 -3.95 6.17
C HIS B 95 -16.31 -2.77 7.03
N PHE B 96 -15.36 -2.00 6.54
CA PHE B 96 -14.82 -0.82 7.25
C PHE B 96 -14.98 0.41 6.36
N HIS B 97 -14.91 1.54 7.02
CA HIS B 97 -14.66 2.87 6.44
C HIS B 97 -13.40 3.45 7.08
N TRP B 98 -12.64 4.21 6.29
CA TRP B 98 -11.45 4.93 6.79
C TRP B 98 -11.31 6.24 6.02
N GLY B 99 -10.33 7.02 6.43
CA GLY B 99 -10.13 8.38 5.86
C GLY B 99 -8.70 8.53 5.34
N SER B 100 -8.41 9.67 4.73
CA SER B 100 -7.09 9.88 4.10
C SER B 100 -6.01 10.10 5.18
N THR B 101 -6.39 10.51 6.39
CA THR B 101 -5.46 10.67 7.53
C THR B 101 -6.01 9.87 8.72
N ASN B 102 -5.20 9.65 9.75
CA ASN B 102 -5.72 9.04 11.01
C ASN B 102 -6.69 10.00 11.72
N GLU B 103 -6.70 11.29 11.44
CA GLU B 103 -7.52 12.29 12.19
C GLU B 103 -9.01 12.23 11.83
N HIS B 104 -9.40 11.50 10.80
CA HIS B 104 -10.76 11.64 10.25
C HIS B 104 -11.06 10.46 9.34
N GLY B 105 -11.64 9.41 9.85
CA GLY B 105 -11.96 8.29 8.97
C GLY B 105 -13.26 7.62 9.34
N SER B 106 -13.83 7.91 10.50
CA SER B 106 -15.12 7.30 10.87
C SER B 106 -16.24 8.00 10.08
N GLU B 107 -17.41 7.40 10.08
CA GLU B 107 -18.63 7.98 9.46
C GLU B 107 -19.44 8.63 10.57
N HIS B 108 -19.87 7.90 11.58
CA HIS B 108 -20.55 8.49 12.75
C HIS B 108 -19.53 9.30 13.55
N THR B 109 -20.01 10.38 14.16
CA THR B 109 -19.20 11.16 15.10
C THR B 109 -19.97 11.21 16.41
N VAL B 110 -19.26 11.55 17.49
CA VAL B 110 -19.90 11.67 18.81
C VAL B 110 -19.49 13.00 19.40
N ASP B 111 -20.48 13.88 19.58
CA ASP B 111 -20.21 15.27 20.08
C ASP B 111 -19.17 15.93 19.17
N GLY B 112 -19.25 15.71 17.84
CA GLY B 112 -18.38 16.32 16.84
C GLY B 112 -17.03 15.65 16.69
N VAL B 113 -16.68 14.69 17.55
CA VAL B 113 -15.36 14.01 17.50
C VAL B 113 -15.39 12.91 16.42
N LYS B 114 -14.44 13.00 15.52
CA LYS B 114 -14.22 12.06 14.40
C LYS B 114 -13.18 11.06 14.83
N TYR B 115 -13.48 9.77 14.70
CA TYR B 115 -12.53 8.67 14.98
C TYR B 115 -11.77 8.34 13.70
N SER B 116 -10.82 7.41 13.81
CA SER B 116 -9.87 7.07 12.72
C SER B 116 -10.53 6.18 11.67
N ALA B 117 -11.48 5.31 12.06
CA ALA B 117 -12.09 4.36 11.11
C ALA B 117 -13.42 3.89 11.74
N GLU B 118 -14.16 3.05 11.07
CA GLU B 118 -15.47 2.53 11.57
C GLU B 118 -15.70 1.14 11.00
N LEU B 119 -16.10 0.21 11.86
CA LEU B 119 -16.57 -1.14 11.46
C LEU B 119 -18.08 -1.12 11.33
N HIS B 120 -18.56 -1.71 10.25
CA HIS B 120 -20.01 -1.93 9.98
C HIS B 120 -20.22 -3.45 9.92
N VAL B 121 -21.16 -3.95 10.71
CA VAL B 121 -21.63 -5.38 10.66
C VAL B 121 -23.10 -5.33 10.22
N ALA B 122 -23.43 -5.79 9.01
CA ALA B 122 -24.72 -5.60 8.29
C ALA B 122 -25.58 -6.88 8.32
N HIS B 123 -26.89 -6.73 8.57
CA HIS B 123 -27.85 -7.83 8.81
C HIS B 123 -29.15 -7.50 8.10
N TRP B 124 -29.93 -8.49 7.65
CA TRP B 124 -31.25 -8.22 7.04
C TRP B 124 -32.35 -9.00 7.80
N ASN B 125 -33.57 -8.45 7.73
CA ASN B 125 -34.72 -8.94 8.54
C ASN B 125 -35.30 -10.22 7.92
N SER B 126 -34.78 -11.36 8.32
CA SER B 126 -35.22 -12.67 7.78
C SER B 126 -36.48 -13.19 8.51
N ALA B 127 -36.91 -12.54 9.58
CA ALA B 127 -38.21 -12.88 10.23
C ALA B 127 -39.36 -12.48 9.30
N LYS B 128 -39.30 -11.31 8.66
CA LYS B 128 -40.42 -10.69 7.91
C LYS B 128 -40.25 -10.87 6.40
N TYR B 129 -39.01 -10.91 5.92
CA TYR B 129 -38.69 -10.93 4.47
C TYR B 129 -37.94 -12.23 4.15
N SER B 130 -37.91 -12.56 2.85
CA SER B 130 -37.38 -13.86 2.33
C SER B 130 -36.01 -13.64 1.67
N SER B 131 -35.65 -12.40 1.34
CA SER B 131 -34.31 -12.10 0.79
C SER B 131 -33.78 -10.71 1.17
N LEU B 132 -32.47 -10.55 1.00
CA LEU B 132 -31.76 -9.24 1.13
C LEU B 132 -32.41 -8.24 0.19
N ALA B 133 -32.64 -8.62 -1.07
CA ALA B 133 -33.28 -7.72 -2.05
C ALA B 133 -34.65 -7.25 -1.56
N GLU B 134 -35.49 -8.13 -1.00
CA GLU B 134 -36.84 -7.72 -0.53
C GLU B 134 -36.69 -6.79 0.70
N ALA B 135 -35.78 -7.15 1.59
CA ALA B 135 -35.51 -6.43 2.86
C ALA B 135 -34.97 -5.03 2.56
N ALA B 136 -34.14 -4.84 1.54
CA ALA B 136 -33.55 -3.52 1.20
C ALA B 136 -34.62 -2.46 0.85
N SER B 137 -35.83 -2.82 0.38
CA SER B 137 -36.88 -1.83 -0.01
C SER B 137 -37.70 -1.35 1.20
N LYS B 138 -37.37 -1.80 2.42
CA LYS B 138 -38.25 -1.76 3.62
C LYS B 138 -37.59 -0.92 4.72
N ALA B 139 -38.33 -0.03 5.38
CA ALA B 139 -37.82 0.81 6.51
C ALA B 139 -37.20 -0.07 7.61
N ASP B 140 -37.72 -1.26 7.82
CA ASP B 140 -37.31 -2.20 8.90
C ASP B 140 -36.45 -3.33 8.33
N GLY B 141 -35.88 -3.15 7.15
CA GLY B 141 -35.25 -4.27 6.42
C GLY B 141 -33.85 -4.64 6.89
N LEU B 142 -33.03 -3.64 7.21
CA LEU B 142 -31.59 -3.83 7.53
C LEU B 142 -31.27 -3.32 8.94
N ALA B 143 -30.26 -3.91 9.53
CA ALA B 143 -29.71 -3.54 10.86
C ALA B 143 -28.19 -3.54 10.73
N VAL B 144 -27.55 -2.41 11.02
CA VAL B 144 -26.06 -2.33 10.97
C VAL B 144 -25.51 -1.90 12.32
N ILE B 145 -24.58 -2.69 12.85
CA ILE B 145 -23.79 -2.34 14.04
C ILE B 145 -22.59 -1.52 13.62
N GLY B 146 -22.46 -0.30 14.15
CA GLY B 146 -21.25 0.52 13.95
C GLY B 146 -20.39 0.53 15.19
N VAL B 147 -19.08 0.36 14.97
CA VAL B 147 -18.06 0.44 16.03
C VAL B 147 -17.00 1.45 15.58
N LEU B 148 -16.79 2.47 16.39
CA LEU B 148 -15.79 3.51 16.16
C LEU B 148 -14.40 2.94 16.47
N MET B 149 -13.44 3.24 15.62
CA MET B 149 -12.06 2.71 15.76
C MET B 149 -11.08 3.85 16.03
N LYS B 150 -10.40 3.79 17.16
CA LYS B 150 -9.54 4.87 17.66
C LYS B 150 -8.08 4.46 17.43
N VAL B 151 -7.34 5.27 16.72
CA VAL B 151 -5.92 5.01 16.41
C VAL B 151 -5.15 4.93 17.74
N GLY B 152 -4.34 3.87 17.86
CA GLY B 152 -3.52 3.62 19.06
C GLY B 152 -2.74 2.36 18.87
N GLU B 153 -2.88 1.42 19.80
CA GLU B 153 -2.22 0.09 19.75
C GLU B 153 -2.78 -0.73 18.60
N ALA B 154 -1.94 -1.58 18.00
CA ALA B 154 -2.39 -2.56 17.01
C ALA B 154 -3.48 -3.43 17.60
N ASN B 155 -4.51 -3.72 16.79
CA ASN B 155 -5.62 -4.57 17.21
C ASN B 155 -5.42 -5.97 16.65
N PRO B 156 -5.03 -6.94 17.48
CA PRO B 156 -4.75 -8.28 16.97
C PRO B 156 -5.94 -9.02 16.36
N LYS B 157 -7.16 -8.64 16.74
CA LYS B 157 -8.41 -9.25 16.27
C LYS B 157 -8.57 -8.96 14.77
N LEU B 158 -7.93 -7.90 14.28
CA LEU B 158 -7.95 -7.51 12.84
C LEU B 158 -7.02 -8.38 11.97
N GLN B 159 -6.13 -9.17 12.59
CA GLN B 159 -5.07 -9.94 11.87
C GLN B 159 -5.61 -10.74 10.68
N LYS B 160 -6.58 -11.64 10.85
CA LYS B 160 -6.99 -12.57 9.77
C LYS B 160 -7.52 -11.71 8.61
N VAL B 161 -8.26 -10.63 8.92
CA VAL B 161 -8.80 -9.73 7.85
C VAL B 161 -7.63 -9.08 7.13
N LEU B 162 -6.68 -8.45 7.85
CA LEU B 162 -5.58 -7.70 7.19
C LEU B 162 -4.68 -8.66 6.39
N ASP B 163 -4.46 -9.88 6.89
CA ASP B 163 -3.61 -10.91 6.21
C ASP B 163 -4.26 -11.35 4.90
N ALA B 164 -5.58 -11.24 4.77
CA ALA B 164 -6.32 -11.71 3.57
C ALA B 164 -6.17 -10.69 2.44
N LEU B 165 -5.81 -9.45 2.75
CA LEU B 165 -5.94 -8.33 1.79
C LEU B 165 -4.96 -8.51 0.60
N GLN B 166 -3.80 -9.15 0.83
CA GLN B 166 -2.85 -9.38 -0.29
C GLN B 166 -3.48 -10.21 -1.43
N ALA B 167 -4.50 -11.04 -1.20
CA ALA B 167 -5.15 -11.87 -2.25
C ALA B 167 -6.23 -11.10 -3.01
N ILE B 168 -6.58 -9.88 -2.60
CA ILE B 168 -7.70 -9.10 -3.21
C ILE B 168 -7.24 -7.67 -3.48
N LYS B 169 -6.04 -7.49 -4.06
CA LYS B 169 -5.45 -6.16 -4.10
C LYS B 169 -6.22 -5.23 -5.05
N THR B 170 -6.78 -5.77 -6.14
CA THR B 170 -7.43 -4.90 -7.13
C THR B 170 -8.95 -5.17 -7.23
N LYS B 171 -9.63 -4.20 -7.77
CA LYS B 171 -11.12 -4.25 -7.91
C LYS B 171 -11.59 -5.50 -8.61
N GLY B 172 -12.51 -6.21 -7.97
CA GLY B 172 -13.17 -7.42 -8.46
C GLY B 172 -12.51 -8.68 -7.98
N LYS B 173 -11.28 -8.61 -7.45
CA LYS B 173 -10.65 -9.80 -6.89
C LYS B 173 -11.43 -10.25 -5.65
N ARG B 174 -11.45 -11.56 -5.45
CA ARG B 174 -12.15 -12.21 -4.33
C ARG B 174 -11.41 -13.48 -3.94
N ALA B 175 -11.56 -13.88 -2.69
CA ALA B 175 -10.94 -15.09 -2.14
C ALA B 175 -11.86 -15.69 -1.11
N PRO B 176 -11.75 -17.02 -0.89
CA PRO B 176 -12.40 -17.66 0.24
C PRO B 176 -11.89 -17.05 1.54
N PHE B 177 -12.82 -16.88 2.47
CA PHE B 177 -12.56 -16.36 3.85
C PHE B 177 -13.49 -17.09 4.79
N THR B 178 -12.96 -18.05 5.55
CA THR B 178 -13.80 -19.07 6.24
C THR B 178 -13.46 -19.12 7.73
N ASN B 179 -14.35 -19.71 8.51
CA ASN B 179 -14.09 -19.99 9.95
C ASN B 179 -13.76 -18.65 10.66
N PHE B 180 -14.69 -17.69 10.63
CA PHE B 180 -14.46 -16.38 11.28
C PHE B 180 -15.76 -15.87 11.91
N ASP B 181 -15.67 -15.57 13.19
CA ASP B 181 -16.81 -15.02 13.98
C ASP B 181 -16.57 -13.52 14.13
N PRO B 182 -17.27 -12.62 13.39
CA PRO B 182 -16.95 -11.19 13.47
C PRO B 182 -17.40 -10.55 14.81
N SER B 183 -18.13 -11.26 15.67
CA SER B 183 -18.39 -10.75 17.05
C SER B 183 -17.08 -10.57 17.83
N THR B 184 -15.98 -11.20 17.42
CA THR B 184 -14.64 -11.06 18.03
C THR B 184 -14.10 -9.64 17.83
N LEU B 185 -14.66 -8.91 16.89
CA LEU B 185 -14.21 -7.53 16.57
C LEU B 185 -14.94 -6.51 17.43
N LEU B 186 -16.06 -6.88 18.08
CA LEU B 186 -16.88 -5.93 18.88
C LEU B 186 -16.19 -5.57 20.18
N PRO B 187 -16.48 -4.40 20.78
CA PRO B 187 -15.96 -4.07 22.10
C PRO B 187 -16.56 -5.00 23.18
N SER B 188 -15.94 -5.03 24.36
CA SER B 188 -16.36 -5.87 25.53
C SER B 188 -17.79 -5.52 25.93
N SER B 189 -18.07 -4.23 26.06
CA SER B 189 -19.43 -3.76 26.45
C SER B 189 -20.21 -3.41 25.20
N LEU B 190 -21.47 -3.79 25.15
CA LEU B 190 -22.32 -3.49 23.99
C LEU B 190 -23.40 -2.47 24.37
N ASP B 191 -23.11 -1.51 25.27
CA ASP B 191 -23.97 -0.30 25.41
C ASP B 191 -24.05 0.36 24.03
N PHE B 192 -25.21 0.91 23.65
CA PHE B 192 -25.39 1.42 22.28
C PHE B 192 -26.34 2.60 22.24
N TRP B 193 -26.21 3.35 21.17
CA TRP B 193 -27.21 4.29 20.63
C TRP B 193 -27.92 3.66 19.44
N THR B 194 -29.16 4.07 19.19
CA THR B 194 -29.85 3.61 17.98
C THR B 194 -30.64 4.77 17.36
N TYR B 195 -30.75 4.78 16.05
CA TYR B 195 -31.57 5.76 15.31
C TYR B 195 -31.94 5.13 13.97
N PRO B 196 -33.02 5.61 13.33
CA PRO B 196 -33.37 5.17 11.99
C PRO B 196 -32.60 5.95 10.92
N GLY B 197 -31.97 5.24 9.99
CA GLY B 197 -31.18 5.86 8.94
C GLY B 197 -31.12 5.03 7.67
N SER B 198 -29.98 5.14 7.02
CA SER B 198 -29.82 4.80 5.60
C SER B 198 -28.51 4.01 5.43
N LEU B 199 -28.37 3.39 4.26
CA LEU B 199 -27.02 3.00 3.76
C LEU B 199 -26.20 4.29 3.72
N THR B 200 -24.90 4.25 3.99
CA THR B 200 -24.03 5.47 3.97
C THR B 200 -23.39 5.70 2.60
N HIS B 201 -23.66 4.84 1.62
CA HIS B 201 -23.21 5.07 0.25
C HIS B 201 -24.32 4.64 -0.70
N PRO B 202 -24.23 5.00 -2.00
CA PRO B 202 -25.27 4.59 -2.96
C PRO B 202 -25.54 3.10 -2.82
N PRO B 203 -26.81 2.68 -2.89
CA PRO B 203 -27.91 3.56 -3.28
C PRO B 203 -28.62 4.37 -2.18
N LEU B 204 -28.07 4.42 -0.97
CA LEU B 204 -28.51 5.37 0.11
C LEU B 204 -29.95 5.06 0.58
N TYR B 205 -30.42 3.83 0.41
CA TYR B 205 -31.79 3.45 0.83
C TYR B 205 -31.99 3.71 2.32
N GLU B 206 -33.16 4.21 2.68
CA GLU B 206 -33.47 4.56 4.10
C GLU B 206 -34.12 3.35 4.77
N SER B 207 -33.34 2.30 4.95
CA SER B 207 -33.79 0.92 5.28
CA SER B 207 -33.82 0.94 5.30
C SER B 207 -33.05 0.42 6.52
N VAL B 208 -32.25 1.27 7.14
CA VAL B 208 -31.34 0.80 8.21
C VAL B 208 -31.75 1.25 9.60
N THR B 209 -31.80 0.29 10.51
CA THR B 209 -31.78 0.58 11.96
C THR B 209 -30.32 0.53 12.41
N TRP B 210 -29.76 1.68 12.79
CA TRP B 210 -28.36 1.81 13.25
C TRP B 210 -28.23 1.48 14.73
N ILE B 211 -27.24 0.63 15.03
CA ILE B 211 -26.79 0.29 16.39
C ILE B 211 -25.35 0.78 16.51
N ILE B 212 -25.13 1.93 17.17
CA ILE B 212 -23.77 2.50 17.34
C ILE B 212 -23.26 2.15 18.74
N CYS B 213 -22.16 1.40 18.83
CA CYS B 213 -21.57 1.03 20.14
C CYS B 213 -20.98 2.27 20.84
N LYS B 214 -21.28 2.43 22.11
CA LYS B 214 -20.70 3.48 22.96
C LYS B 214 -19.18 3.32 23.02
N GLU B 215 -18.71 2.08 23.14
CA GLU B 215 -17.27 1.81 23.30
C GLU B 215 -16.59 1.65 21.94
N SER B 216 -15.39 2.21 21.85
CA SER B 216 -14.55 2.11 20.66
C SER B 216 -13.61 0.89 20.75
N ILE B 217 -13.03 0.52 19.60
CA ILE B 217 -11.96 -0.49 19.53
C ILE B 217 -10.73 0.19 18.93
N SER B 218 -9.57 -0.43 19.14
CA SER B 218 -8.27 0.13 18.70
CA SER B 218 -8.26 0.12 18.70
C SER B 218 -7.97 -0.25 17.25
N VAL B 219 -7.01 0.45 16.67
CA VAL B 219 -6.40 0.12 15.36
C VAL B 219 -5.08 0.91 15.33
N SER B 220 -4.02 0.37 14.72
CA SER B 220 -2.73 1.10 14.68
C SER B 220 -2.65 1.90 13.38
N SER B 221 -1.74 2.87 13.36
CA SER B 221 -1.47 3.68 12.17
C SER B 221 -1.07 2.75 11.01
N GLU B 222 -0.33 1.66 11.26
CA GLU B 222 0.13 0.76 10.16
C GLU B 222 -1.03 -0.13 9.68
N GLN B 223 -1.97 -0.48 10.55
CA GLN B 223 -3.17 -1.24 10.16
C GLN B 223 -4.06 -0.36 9.26
N LEU B 224 -4.21 0.92 9.55
CA LEU B 224 -4.97 1.79 8.63
C LEU B 224 -4.23 1.89 7.31
N ALA B 225 -2.89 1.99 7.32
CA ALA B 225 -2.14 2.05 6.06
C ALA B 225 -2.42 0.80 5.22
N GLN B 226 -2.63 -0.38 5.81
CA GLN B 226 -2.98 -1.61 5.05
C GLN B 226 -4.32 -1.40 4.32
N PHE B 227 -5.35 -0.85 4.97
CA PHE B 227 -6.60 -0.56 4.24
C PHE B 227 -6.30 0.36 3.05
N ARG B 228 -5.51 1.41 3.25
CA ARG B 228 -5.30 2.44 2.18
C ARG B 228 -4.41 1.90 1.07
N SER B 229 -3.76 0.74 1.27
CA SER B 229 -2.87 0.13 0.27
C SER B 229 -3.69 -0.76 -0.67
N LEU B 230 -4.98 -1.00 -0.36
CA LEU B 230 -5.88 -1.65 -1.34
C LEU B 230 -6.03 -0.73 -2.55
N LEU B 231 -6.22 -1.32 -3.74
CA LEU B 231 -6.29 -0.56 -5.00
C LEU B 231 -7.74 -0.54 -5.52
N SER B 232 -8.17 0.63 -5.95
CA SER B 232 -9.52 0.85 -6.54
C SER B 232 -9.57 0.43 -8.01
N ASN B 233 -8.42 0.34 -8.67
CA ASN B 233 -8.32 0.03 -10.13
C ASN B 233 -8.42 -1.46 -10.37
N VAL B 234 -8.71 -1.85 -11.62
CA VAL B 234 -8.65 -3.29 -12.02
C VAL B 234 -7.20 -3.68 -12.32
N GLU B 235 -6.90 -4.95 -12.14
CA GLU B 235 -5.55 -5.52 -12.39
C GLU B 235 -5.04 -5.05 -13.76
N GLY B 236 -3.80 -4.58 -13.76
CA GLY B 236 -3.08 -4.23 -14.99
C GLY B 236 -3.13 -2.74 -15.26
N ASP B 237 -4.15 -2.04 -14.78
CA ASP B 237 -4.21 -0.56 -14.82
C ASP B 237 -3.25 0.04 -13.79
N ASN B 238 -2.98 1.34 -13.91
CA ASN B 238 -2.07 2.08 -13.01
C ASN B 238 -2.72 2.02 -11.62
N ALA B 239 -1.89 1.75 -10.61
CA ALA B 239 -2.35 1.52 -9.23
C ALA B 239 -2.93 2.82 -8.67
N VAL B 240 -4.09 2.73 -8.02
CA VAL B 240 -4.79 3.91 -7.43
C VAL B 240 -5.24 3.47 -6.04
N PRO B 241 -4.49 3.85 -4.99
CA PRO B 241 -4.81 3.47 -3.63
C PRO B 241 -6.20 3.96 -3.22
N MET B 242 -6.87 3.12 -2.46
CA MET B 242 -8.18 3.39 -1.83
C MET B 242 -7.97 4.27 -0.61
N GLN B 243 -7.86 5.59 -0.79
CA GLN B 243 -7.39 6.48 0.30
C GLN B 243 -8.46 6.79 1.34
N HIS B 244 -9.73 6.85 0.96
CA HIS B 244 -10.83 7.17 1.90
C HIS B 244 -12.14 6.67 1.34
N ASN B 245 -13.11 6.44 2.24
CA ASN B 245 -14.47 6.04 1.82
C ASN B 245 -15.49 6.38 2.91
N ASN B 246 -15.32 7.52 3.61
CA ASN B 246 -16.27 7.95 4.66
C ASN B 246 -17.14 9.07 4.12
N ARG B 247 -18.46 8.95 4.31
CA ARG B 247 -19.43 10.02 4.01
C ARG B 247 -19.48 11.01 5.17
N PRO B 248 -19.54 12.34 4.91
CA PRO B 248 -19.83 13.30 5.97
C PRO B 248 -21.15 13.03 6.69
N THR B 249 -21.28 13.51 7.91
CA THR B 249 -22.52 13.40 8.71
C THR B 249 -23.63 14.23 8.06
N GLN B 250 -24.86 13.75 8.19
CA GLN B 250 -26.08 14.31 7.55
C GLN B 250 -27.01 14.79 8.65
N PRO B 251 -27.91 15.74 8.31
CA PRO B 251 -28.77 16.34 9.31
C PRO B 251 -29.75 15.32 9.89
N LEU B 252 -29.96 15.40 11.21
CA LEU B 252 -30.91 14.54 11.94
C LEU B 252 -32.35 14.79 11.44
N LYS B 253 -32.70 16.03 11.04
CA LYS B 253 -34.07 16.33 10.54
C LYS B 253 -35.13 15.80 11.49
N GLY B 254 -34.98 16.02 12.79
CA GLY B 254 -36.00 15.75 13.82
C GLY B 254 -35.98 14.33 14.34
N ARG B 255 -35.10 13.44 13.82
CA ARG B 255 -34.96 12.07 14.38
C ARG B 255 -34.40 12.16 15.79
N THR B 256 -34.71 11.15 16.60
CA THR B 256 -34.23 10.98 17.97
C THR B 256 -33.17 9.88 17.99
N VAL B 257 -32.02 10.18 18.59
CA VAL B 257 -31.02 9.11 18.90
C VAL B 257 -31.34 8.58 20.29
N ARG B 258 -31.70 7.29 20.41
CA ARG B 258 -32.04 6.68 21.71
C ARG B 258 -30.80 6.02 22.30
N ALA B 259 -30.67 5.98 23.60
CA ALA B 259 -29.54 5.36 24.32
C ALA B 259 -30.04 4.15 25.12
N SER B 260 -29.26 3.07 25.11
CA SER B 260 -29.55 1.83 25.88
C SER B 260 -29.14 2.08 27.34
N PHE B 261 -28.39 3.15 27.61
CA PHE B 261 -27.61 3.30 28.86
C PHE B 261 -27.83 4.72 29.36
#